data_3HUH
#
_entry.id   3HUH
#
_cell.length_a   39.898
_cell.length_b   138.255
_cell.length_c   51.412
_cell.angle_alpha   90.00
_cell.angle_beta   112.91
_cell.angle_gamma   90.00
#
_symmetry.space_group_name_H-M   'P 1 21 1'
#
loop_
_entity.id
_entity.type
_entity.pdbx_description
1 polymer 'Virulence protein STM3117'
2 water water
#
_entity_poly.entity_id   1
_entity_poly.type   'polypeptide(L)'
_entity_poly.pdbx_seq_one_letter_code
;MSLFNVASLKYKHHESIQMIIDRIDHLVLTVSDISTTIRFYEEVLGFSAVTFKQNRKALIFGAQKINLHQQEMEFEPKAS
RPTPGSADLCFITSTPINDVVSEILQAGISIVEGPVERTGATGEIMSIYIRDPDGNLIEISQYVEGHHHHHH
;
_entity_poly.pdbx_strand_id   A,B,C,D
#
# COMPACT_ATOMS: atom_id res chain seq x y z
N ILE A 20 -5.99 23.55 -18.34
CA ILE A 20 -6.84 22.42 -17.85
C ILE A 20 -6.63 21.19 -18.73
N ILE A 21 -6.16 20.10 -18.11
CA ILE A 21 -5.92 18.85 -18.82
C ILE A 21 -7.12 17.94 -18.61
N ASP A 22 -7.64 17.42 -19.72
CA ASP A 22 -8.81 16.57 -19.70
C ASP A 22 -8.57 15.07 -19.62
N ARG A 23 -7.59 14.58 -20.38
CA ARG A 23 -7.33 13.15 -20.43
C ARG A 23 -6.03 12.85 -21.15
N ILE A 24 -5.66 11.58 -21.17
CA ILE A 24 -4.48 11.13 -21.91
C ILE A 24 -5.04 10.79 -23.29
N ASP A 25 -4.35 11.25 -24.34
CA ASP A 25 -4.80 10.97 -25.71
C ASP A 25 -4.08 9.74 -26.23
N HIS A 26 -2.77 9.71 -25.99
CA HIS A 26 -1.96 8.60 -26.46
C HIS A 26 -0.62 8.63 -25.77
N LEU A 27 0.19 7.61 -26.05
CA LEU A 27 1.52 7.52 -25.50
C LEU A 27 2.33 6.69 -26.45
N VAL A 28 3.65 6.75 -26.31
CA VAL A 28 4.53 6.00 -27.20
C VAL A 28 5.30 4.90 -26.47
N LEU A 29 5.23 3.70 -27.01
CA LEU A 29 5.96 2.58 -26.47
C LEU A 29 7.11 2.31 -27.42
N THR A 30 8.32 2.17 -26.86
CA THR A 30 9.49 1.86 -27.68
C THR A 30 9.68 0.36 -27.52
N VAL A 31 9.66 -0.34 -28.65
CA VAL A 31 9.76 -1.80 -28.64
C VAL A 31 10.86 -2.38 -29.51
N SER A 32 11.26 -3.62 -29.20
CA SER A 32 12.31 -4.28 -29.99
C SER A 32 11.79 -4.70 -31.36
N ASP A 33 10.56 -5.18 -31.42
CA ASP A 33 9.98 -5.62 -32.68
C ASP A 33 8.49 -5.26 -32.78
N ILE A 34 8.19 -4.28 -33.62
CA ILE A 34 6.81 -3.84 -33.79
C ILE A 34 5.86 -4.96 -34.18
N SER A 35 6.28 -5.86 -35.09
CA SER A 35 5.41 -6.96 -35.51
C SER A 35 4.96 -7.81 -34.32
N THR A 36 5.91 -8.15 -33.45
CA THR A 36 5.63 -8.96 -32.28
C THR A 36 4.71 -8.23 -31.30
N THR A 37 4.95 -6.94 -31.14
CA THR A 37 4.15 -6.12 -30.24
C THR A 37 2.71 -6.04 -30.75
N ILE A 38 2.57 -5.81 -32.05
CA ILE A 38 1.25 -5.71 -32.65
C ILE A 38 0.46 -7.00 -32.45
N ARG A 39 1.09 -8.14 -32.72
CA ARG A 39 0.40 -9.42 -32.54
C ARG A 39 -0.13 -9.59 -31.12
N PHE A 40 0.67 -9.22 -30.13
CA PHE A 40 0.26 -9.34 -28.73
C PHE A 40 -0.95 -8.45 -28.42
N TYR A 41 -0.85 -7.16 -28.72
CA TYR A 41 -1.96 -6.25 -28.41
C TYR A 41 -3.23 -6.55 -29.19
N GLU A 42 -3.10 -7.01 -30.42
CA GLU A 42 -4.31 -7.34 -31.19
C GLU A 42 -4.94 -8.64 -30.67
N GLU A 43 -4.15 -9.70 -30.58
CA GLU A 43 -4.67 -11.00 -30.16
C GLU A 43 -5.10 -11.10 -28.69
N VAL A 44 -4.34 -10.49 -27.79
CA VAL A 44 -4.68 -10.55 -26.38
C VAL A 44 -5.61 -9.44 -25.90
N LEU A 45 -5.19 -8.18 -26.07
CA LEU A 45 -6.00 -7.05 -25.62
C LEU A 45 -7.10 -6.62 -26.59
N GLY A 46 -7.09 -7.15 -27.80
CA GLY A 46 -8.12 -6.78 -28.76
C GLY A 46 -7.97 -5.42 -29.40
N PHE A 47 -6.77 -4.85 -29.35
CA PHE A 47 -6.55 -3.56 -29.99
C PHE A 47 -6.50 -3.72 -31.50
N SER A 48 -6.53 -2.60 -32.23
CA SER A 48 -6.50 -2.64 -33.69
C SER A 48 -5.33 -1.82 -34.22
N ALA A 49 -4.43 -2.46 -34.97
CA ALA A 49 -3.27 -1.77 -35.51
C ALA A 49 -3.60 -0.97 -36.77
N VAL A 50 -2.97 0.20 -36.88
CA VAL A 50 -3.16 1.06 -38.05
C VAL A 50 -1.83 1.68 -38.42
N THR A 51 -1.78 2.29 -39.61
CA THR A 51 -0.57 2.94 -40.10
C THR A 51 -0.91 4.40 -40.39
N PHE A 52 -0.22 5.31 -39.73
CA PHE A 52 -0.43 6.74 -39.92
C PHE A 52 0.87 7.38 -40.36
N LYS A 53 0.78 8.61 -40.86
CA LYS A 53 1.97 9.32 -41.34
C LYS A 53 2.73 8.43 -42.32
N GLN A 54 1.99 7.74 -43.19
CA GLN A 54 2.52 6.86 -44.22
C GLN A 54 3.18 5.55 -43.81
N ASN A 55 3.98 5.55 -42.76
CA ASN A 55 4.68 4.33 -42.37
C ASN A 55 4.81 4.08 -40.85
N ARG A 56 4.07 4.81 -40.05
CA ARG A 56 4.16 4.63 -38.59
C ARG A 56 3.02 3.75 -38.09
N LYS A 57 3.29 3.00 -37.03
CA LYS A 57 2.28 2.10 -36.46
C LYS A 57 1.70 2.58 -35.15
N ALA A 58 0.41 2.31 -34.97
CA ALA A 58 -0.29 2.64 -33.74
C ALA A 58 -1.31 1.55 -33.45
N LEU A 59 -1.73 1.48 -32.20
CA LEU A 59 -2.71 0.51 -31.75
C LEU A 59 -3.87 1.33 -31.22
N ILE A 60 -5.01 1.19 -31.88
CA ILE A 60 -6.22 1.91 -31.52
C ILE A 60 -7.08 1.13 -30.52
N PHE A 61 -7.60 1.82 -29.52
CA PHE A 61 -8.50 1.22 -28.53
C PHE A 61 -9.32 2.35 -27.93
N GLY A 62 -10.61 2.10 -27.72
CA GLY A 62 -11.47 3.14 -27.18
C GLY A 62 -11.30 4.37 -28.05
N ALA A 63 -11.10 5.52 -27.41
CA ALA A 63 -10.90 6.78 -28.12
C ALA A 63 -9.47 7.25 -27.88
N GLN A 64 -8.56 6.30 -27.69
CA GLN A 64 -7.16 6.62 -27.45
C GLN A 64 -6.31 5.74 -28.35
N LYS A 65 -5.00 5.85 -28.22
CA LYS A 65 -4.11 5.01 -29.02
C LYS A 65 -2.71 4.95 -28.42
N ILE A 66 -1.97 3.92 -28.82
CA ILE A 66 -0.59 3.76 -28.40
C ILE A 66 0.25 3.77 -29.67
N ASN A 67 1.12 4.76 -29.81
CA ASN A 67 1.99 4.84 -30.96
C ASN A 67 3.19 3.97 -30.67
N LEU A 68 3.69 3.30 -31.70
CA LEU A 68 4.84 2.43 -31.53
C LEU A 68 6.09 2.96 -32.21
N HIS A 69 7.22 2.83 -31.52
CA HIS A 69 8.53 3.20 -32.07
C HIS A 69 9.37 1.94 -31.95
N GLN A 70 10.04 1.54 -33.02
CA GLN A 70 10.88 0.36 -32.93
C GLN A 70 12.31 0.83 -32.67
N GLN A 71 13.05 0.09 -31.87
CA GLN A 71 14.42 0.50 -31.60
C GLN A 71 15.18 0.62 -32.92
N GLU A 72 16.08 1.61 -32.97
CA GLU A 72 16.90 1.90 -34.14
C GLU A 72 16.16 2.73 -35.18
N MET A 73 14.88 3.00 -34.93
CA MET A 73 14.11 3.87 -35.81
C MET A 73 13.03 4.61 -35.05
N GLU A 74 13.43 5.19 -33.92
CA GLU A 74 12.52 5.96 -33.07
C GLU A 74 12.38 7.39 -33.59
N PHE A 75 11.13 7.81 -33.84
CA PHE A 75 10.89 9.15 -34.33
C PHE A 75 11.07 10.22 -33.25
N GLU A 76 11.47 11.42 -33.67
CA GLU A 76 11.74 12.54 -32.77
C GLU A 76 10.66 13.62 -32.81
N PRO A 77 10.44 14.32 -31.69
CA PRO A 77 11.13 14.14 -30.41
C PRO A 77 10.61 12.89 -29.71
N LYS A 78 11.36 12.40 -28.72
CA LYS A 78 10.97 11.19 -28.00
C LYS A 78 11.39 11.30 -26.53
N ALA A 79 11.13 10.26 -25.75
CA ALA A 79 11.51 10.26 -24.35
C ALA A 79 13.02 10.46 -24.22
N SER A 80 13.47 11.00 -23.09
CA SER A 80 14.91 11.20 -22.91
C SER A 80 15.66 9.87 -22.88
N ARG A 81 15.02 8.84 -22.36
CA ARG A 81 15.63 7.51 -22.30
C ARG A 81 14.65 6.43 -22.78
N PRO A 82 14.42 6.36 -24.10
CA PRO A 82 13.51 5.38 -24.69
C PRO A 82 13.96 3.99 -24.25
N THR A 83 13.07 3.24 -23.60
CA THR A 83 13.43 1.95 -23.07
C THR A 83 12.35 0.88 -23.18
N PRO A 84 12.63 -0.20 -23.92
CA PRO A 84 11.62 -1.26 -24.03
C PRO A 84 11.41 -1.87 -22.64
N GLY A 85 10.16 -2.15 -22.29
CA GLY A 85 9.87 -2.75 -20.99
C GLY A 85 9.81 -1.79 -19.81
N SER A 86 9.78 -0.49 -20.09
CA SER A 86 9.74 0.52 -19.04
C SER A 86 8.33 1.03 -18.73
N ALA A 87 7.34 0.55 -19.46
CA ALA A 87 5.97 0.98 -19.25
C ALA A 87 5.22 0.14 -18.21
N ASP A 88 4.33 0.80 -17.48
CA ASP A 88 3.51 0.21 -16.43
C ASP A 88 2.17 0.90 -16.65
N LEU A 89 1.26 0.22 -17.36
CA LEU A 89 -0.03 0.77 -17.75
C LEU A 89 -1.24 -0.01 -17.27
N CYS A 90 -2.32 0.71 -16.97
CA CYS A 90 -3.55 0.07 -16.54
C CYS A 90 -4.67 0.40 -17.53
N PHE A 91 -5.32 -0.65 -18.01
CA PHE A 91 -6.43 -0.51 -18.95
C PHE A 91 -7.71 -0.98 -18.30
N ILE A 92 -8.79 -0.22 -18.49
CA ILE A 92 -10.07 -0.62 -17.93
C ILE A 92 -10.83 -1.46 -18.94
N THR A 93 -11.40 -2.56 -18.47
CA THR A 93 -12.17 -3.45 -19.32
C THR A 93 -13.62 -3.44 -18.85
N SER A 94 -14.54 -3.69 -19.78
CA SER A 94 -15.96 -3.76 -19.46
C SER A 94 -16.36 -5.23 -19.41
N THR A 95 -15.39 -6.10 -19.68
CA THR A 95 -15.60 -7.54 -19.65
C THR A 95 -15.45 -8.00 -18.19
N PRO A 96 -16.32 -8.91 -17.71
CA PRO A 96 -16.17 -9.37 -16.32
C PRO A 96 -14.73 -9.80 -16.09
N ILE A 97 -14.11 -9.28 -15.04
CA ILE A 97 -12.70 -9.59 -14.77
C ILE A 97 -12.37 -11.08 -14.71
N ASN A 98 -13.26 -11.91 -14.19
CA ASN A 98 -12.98 -13.34 -14.13
C ASN A 98 -12.99 -13.95 -15.53
N ASP A 99 -13.79 -13.40 -16.43
CA ASP A 99 -13.82 -13.91 -17.79
C ASP A 99 -12.49 -13.51 -18.44
N VAL A 100 -11.98 -12.34 -18.08
CA VAL A 100 -10.71 -11.87 -18.63
C VAL A 100 -9.59 -12.79 -18.15
N VAL A 101 -9.63 -13.15 -16.86
CA VAL A 101 -8.62 -14.05 -16.30
C VAL A 101 -8.59 -15.33 -17.13
N SER A 102 -9.76 -15.89 -17.38
CA SER A 102 -9.87 -17.12 -18.18
C SER A 102 -9.33 -16.92 -19.59
N GLU A 103 -9.65 -15.78 -20.19
CA GLU A 103 -9.21 -15.46 -21.54
C GLU A 103 -7.68 -15.45 -21.61
N ILE A 104 -7.05 -14.85 -20.61
CA ILE A 104 -5.60 -14.75 -20.54
C ILE A 104 -4.94 -16.13 -20.44
N LEU A 105 -5.46 -16.98 -19.56
CA LEU A 105 -4.90 -18.31 -19.39
C LEU A 105 -5.07 -19.15 -20.65
N GLN A 106 -6.22 -19.03 -21.30
CA GLN A 106 -6.49 -19.78 -22.51
C GLN A 106 -5.56 -19.35 -23.64
N ALA A 107 -5.07 -18.11 -23.56
CA ALA A 107 -4.16 -17.59 -24.58
C ALA A 107 -2.72 -17.99 -24.27
N GLY A 108 -2.53 -18.76 -23.20
CA GLY A 108 -1.20 -19.20 -22.81
C GLY A 108 -0.34 -18.10 -22.22
N ILE A 109 -0.99 -17.06 -21.68
CA ILE A 109 -0.26 -15.95 -21.10
C ILE A 109 -0.15 -16.13 -19.59
N SER A 110 1.05 -15.91 -19.06
CA SER A 110 1.26 -16.06 -17.62
C SER A 110 0.74 -14.86 -16.84
N ILE A 111 0.05 -15.15 -15.75
CA ILE A 111 -0.51 -14.11 -14.89
C ILE A 111 0.53 -13.72 -13.84
N VAL A 112 1.03 -12.50 -13.92
CA VAL A 112 2.03 -12.03 -12.97
C VAL A 112 1.46 -11.98 -11.56
N GLU A 113 0.27 -11.41 -11.43
CA GLU A 113 -0.41 -11.31 -10.15
C GLU A 113 -1.89 -11.05 -10.37
N GLY A 114 -2.71 -11.40 -9.39
CA GLY A 114 -4.14 -11.16 -9.50
C GLY A 114 -4.99 -12.38 -9.76
N PRO A 115 -6.32 -12.21 -9.78
CA PRO A 115 -7.00 -10.92 -9.56
C PRO A 115 -6.85 -10.39 -8.14
N VAL A 116 -6.56 -9.10 -8.03
CA VAL A 116 -6.38 -8.46 -6.74
C VAL A 116 -6.96 -7.05 -6.76
N GLU A 117 -7.49 -6.63 -5.62
CA GLU A 117 -8.09 -5.30 -5.49
C GLU A 117 -7.02 -4.22 -5.52
N ARG A 118 -7.27 -3.16 -6.28
CA ARG A 118 -6.33 -2.04 -6.36
C ARG A 118 -7.13 -0.75 -6.33
N THR A 119 -6.42 0.38 -6.32
CA THR A 119 -7.07 1.67 -6.30
C THR A 119 -7.05 2.29 -7.69
N GLY A 120 -8.23 2.49 -8.26
CA GLY A 120 -8.30 3.09 -9.58
C GLY A 120 -8.33 4.59 -9.47
N ALA A 121 -8.30 5.29 -10.59
CA ALA A 121 -8.32 6.74 -10.57
C ALA A 121 -9.58 7.29 -9.89
N THR A 122 -10.71 6.60 -10.09
CA THR A 122 -11.98 7.06 -9.52
C THR A 122 -12.68 6.04 -8.62
N GLY A 123 -11.92 5.09 -8.08
CA GLY A 123 -12.52 4.10 -7.21
C GLY A 123 -11.76 2.79 -7.18
N GLU A 124 -12.34 1.79 -6.51
CA GLU A 124 -11.69 0.49 -6.41
C GLU A 124 -11.85 -0.32 -7.69
N ILE A 125 -10.80 -1.06 -8.04
CA ILE A 125 -10.82 -1.91 -9.22
C ILE A 125 -10.25 -3.29 -8.89
N MET A 126 -10.58 -4.28 -9.71
CA MET A 126 -10.04 -5.62 -9.54
C MET A 126 -9.06 -5.72 -10.70
N SER A 127 -7.80 -5.99 -10.39
CA SER A 127 -6.77 -6.05 -11.43
C SER A 127 -6.08 -7.38 -11.64
N ILE A 128 -5.71 -7.62 -12.89
CA ILE A 128 -4.98 -8.80 -13.28
C ILE A 128 -3.76 -8.23 -14.01
N TYR A 129 -2.58 -8.77 -13.75
CA TYR A 129 -1.35 -8.27 -14.36
C TYR A 129 -0.68 -9.29 -15.28
N ILE A 130 -0.25 -8.81 -16.44
CA ILE A 130 0.48 -9.64 -17.40
C ILE A 130 1.59 -8.77 -17.96
N ARG A 131 2.43 -9.34 -18.82
CA ARG A 131 3.50 -8.58 -19.41
C ARG A 131 3.44 -8.70 -20.92
N ASP A 132 3.82 -7.63 -21.62
CA ASP A 132 3.82 -7.70 -23.07
C ASP A 132 5.17 -8.26 -23.52
N PRO A 133 5.38 -8.42 -24.84
CA PRO A 133 6.64 -8.97 -25.34
C PRO A 133 7.94 -8.33 -24.88
N ASP A 134 7.88 -7.05 -24.53
CA ASP A 134 9.08 -6.34 -24.09
C ASP A 134 9.23 -6.26 -22.58
N GLY A 135 8.26 -6.80 -21.85
CA GLY A 135 8.35 -6.77 -20.40
C GLY A 135 7.55 -5.66 -19.74
N ASN A 136 6.84 -4.87 -20.54
CA ASN A 136 6.03 -3.80 -19.97
C ASN A 136 4.98 -4.47 -19.09
N LEU A 137 4.65 -3.83 -17.96
CA LEU A 137 3.64 -4.38 -17.08
C LEU A 137 2.28 -3.87 -17.53
N ILE A 138 1.36 -4.78 -17.79
CA ILE A 138 0.03 -4.43 -18.22
C ILE A 138 -0.98 -4.87 -17.17
N GLU A 139 -1.68 -3.89 -16.61
CA GLU A 139 -2.69 -4.12 -15.58
C GLU A 139 -4.04 -3.98 -16.26
N ILE A 140 -4.82 -5.06 -16.29
CA ILE A 140 -6.14 -5.04 -16.90
C ILE A 140 -7.12 -5.05 -15.73
N SER A 141 -7.98 -4.03 -15.67
CA SER A 141 -8.89 -3.91 -14.53
C SER A 141 -10.34 -3.58 -14.82
N GLN A 142 -11.21 -3.99 -13.90
CA GLN A 142 -12.64 -3.71 -14.01
C GLN A 142 -13.03 -2.98 -12.73
N TYR A 143 -13.80 -1.90 -12.85
CA TYR A 143 -14.24 -1.16 -11.68
C TYR A 143 -15.27 -1.96 -10.89
N ILE B 20 -12.82 -6.63 -23.94
CA ILE B 20 -13.07 -5.25 -24.45
C ILE B 20 -12.42 -4.21 -23.55
N ILE B 21 -11.42 -3.51 -24.07
CA ILE B 21 -10.71 -2.48 -23.32
C ILE B 21 -11.32 -1.12 -23.65
N ASP B 22 -11.72 -0.38 -22.63
CA ASP B 22 -12.37 0.91 -22.82
C ASP B 22 -11.45 2.13 -22.81
N ARG B 23 -10.47 2.13 -21.92
CA ARG B 23 -9.59 3.29 -21.79
C ARG B 23 -8.44 2.98 -20.85
N ILE B 24 -7.50 3.93 -20.76
CA ILE B 24 -6.38 3.82 -19.84
C ILE B 24 -6.90 4.44 -18.56
N ASP B 25 -6.65 3.80 -17.42
CA ASP B 25 -7.10 4.34 -16.15
C ASP B 25 -5.97 5.13 -15.53
N HIS B 26 -4.78 4.53 -15.55
CA HIS B 26 -3.60 5.16 -14.98
C HIS B 26 -2.35 4.49 -15.50
N LEU B 27 -1.21 5.01 -15.08
CA LEU B 27 0.09 4.45 -15.46
C LEU B 27 1.06 4.87 -14.37
N VAL B 28 2.22 4.22 -14.33
CA VAL B 28 3.20 4.53 -13.31
C VAL B 28 4.47 5.16 -13.86
N LEU B 29 4.87 6.27 -13.26
CA LEU B 29 6.09 6.94 -13.66
C LEU B 29 7.10 6.67 -12.55
N THR B 30 8.31 6.25 -12.93
CA THR B 30 9.37 6.02 -11.97
C THR B 30 10.24 7.27 -12.03
N VAL B 31 10.32 7.98 -10.91
CA VAL B 31 11.06 9.24 -10.90
C VAL B 31 12.18 9.35 -9.88
N SER B 32 13.07 10.31 -10.11
CA SER B 32 14.20 10.54 -9.23
C SER B 32 13.77 11.17 -7.90
N ASP B 33 12.83 12.12 -7.98
CA ASP B 33 12.34 12.80 -6.78
C ASP B 33 10.85 13.13 -6.91
N ILE B 34 10.03 12.45 -6.12
CA ILE B 34 8.59 12.67 -6.12
C ILE B 34 8.20 14.13 -5.95
N SER B 35 8.79 14.80 -4.97
CA SER B 35 8.46 16.20 -4.71
C SER B 35 8.69 17.09 -5.93
N THR B 36 9.83 16.92 -6.60
CA THR B 36 10.15 17.72 -7.77
C THR B 36 9.15 17.43 -8.89
N THR B 37 8.77 16.16 -9.01
CA THR B 37 7.82 15.74 -10.03
C THR B 37 6.43 16.32 -9.74
N ILE B 38 5.99 16.26 -8.49
CA ILE B 38 4.68 16.78 -8.14
C ILE B 38 4.58 18.29 -8.42
N ARG B 39 5.62 19.02 -8.05
CA ARG B 39 5.62 20.46 -8.27
C ARG B 39 5.47 20.79 -9.75
N PHE B 40 6.18 20.05 -10.60
CA PHE B 40 6.09 20.27 -12.04
C PHE B 40 4.68 20.03 -12.56
N TYR B 41 4.12 18.86 -12.27
CA TYR B 41 2.79 18.56 -12.77
C TYR B 41 1.69 19.42 -12.16
N GLU B 42 1.86 19.86 -10.92
CA GLU B 42 0.86 20.71 -10.30
C GLU B 42 0.94 22.14 -10.82
N GLU B 43 2.13 22.73 -10.76
CA GLU B 43 2.35 24.10 -11.20
C GLU B 43 2.22 24.33 -12.70
N VAL B 44 2.62 23.35 -13.51
CA VAL B 44 2.56 23.51 -14.96
C VAL B 44 1.30 22.92 -15.59
N LEU B 45 1.09 21.62 -15.42
CA LEU B 45 -0.07 20.97 -16.00
C LEU B 45 -1.37 21.11 -15.22
N GLY B 46 -1.27 21.61 -13.99
CA GLY B 46 -2.47 21.78 -13.19
C GLY B 46 -3.03 20.51 -12.57
N PHE B 47 -2.21 19.46 -12.51
CA PHE B 47 -2.64 18.22 -11.91
C PHE B 47 -2.72 18.44 -10.40
N SER B 48 -3.42 17.55 -9.71
CA SER B 48 -3.54 17.63 -8.27
C SER B 48 -2.96 16.37 -7.63
N ALA B 49 -2.03 16.56 -6.70
CA ALA B 49 -1.39 15.43 -6.03
C ALA B 49 -2.26 14.90 -4.89
N VAL B 50 -2.22 13.59 -4.71
CA VAL B 50 -2.99 12.95 -3.66
C VAL B 50 -2.16 11.85 -3.03
N THR B 51 -2.55 11.45 -1.83
CA THR B 51 -1.88 10.39 -1.11
C THR B 51 -2.91 9.31 -0.85
N PHE B 52 -2.50 8.05 -0.90
CA PHE B 52 -3.43 6.95 -0.68
C PHE B 52 -2.69 5.70 -0.20
N LYS B 53 -3.30 4.99 0.74
CA LYS B 53 -2.74 3.77 1.29
C LYS B 53 -1.35 3.97 1.92
N GLN B 54 -0.41 3.11 1.56
CA GLN B 54 0.95 3.19 2.10
C GLN B 54 1.72 4.43 1.67
N ASN B 55 1.25 5.60 2.12
CA ASN B 55 1.91 6.86 1.79
C ASN B 55 2.21 6.92 0.28
N ARG B 56 1.33 6.31 -0.51
CA ARG B 56 1.49 6.29 -1.96
C ARG B 56 1.08 7.63 -2.55
N LYS B 57 1.82 8.10 -3.55
CA LYS B 57 1.52 9.37 -4.19
C LYS B 57 1.07 9.22 -5.64
N ALA B 58 0.14 10.07 -6.04
CA ALA B 58 -0.37 10.04 -7.41
C ALA B 58 -0.77 11.45 -7.81
N LEU B 59 -0.89 11.65 -9.11
CA LEU B 59 -1.30 12.93 -9.68
C LEU B 59 -2.59 12.65 -10.42
N ILE B 60 -3.63 13.42 -10.10
CA ILE B 60 -4.93 13.23 -10.71
C ILE B 60 -5.31 14.36 -11.66
N PHE B 61 -6.10 14.00 -12.67
CA PHE B 61 -6.58 14.93 -13.69
C PHE B 61 -7.72 14.22 -14.41
N GLY B 62 -8.77 14.96 -14.77
CA GLY B 62 -9.91 14.33 -15.42
C GLY B 62 -10.37 13.14 -14.61
N ALA B 63 -10.55 12.00 -15.27
CA ALA B 63 -10.98 10.77 -14.61
C ALA B 63 -9.86 9.74 -14.65
N GLN B 64 -8.62 10.21 -14.66
CA GLN B 64 -7.45 9.33 -14.71
C GLN B 64 -6.41 9.79 -13.70
N LYS B 65 -5.28 9.08 -13.63
CA LYS B 65 -4.23 9.46 -12.70
C LYS B 65 -2.89 8.85 -13.07
N ILE B 66 -1.83 9.41 -12.52
CA ILE B 66 -0.47 8.94 -12.74
C ILE B 66 0.11 8.58 -11.39
N ASN B 67 0.43 7.31 -11.19
CA ASN B 67 1.02 6.90 -9.92
C ASN B 67 2.52 7.16 -9.98
N LEU B 68 3.10 7.57 -8.86
CA LEU B 68 4.52 7.87 -8.82
C LEU B 68 5.30 6.91 -7.94
N HIS B 69 6.41 6.40 -8.47
CA HIS B 69 7.30 5.48 -7.79
C HIS B 69 8.68 6.14 -7.78
N GLN B 70 9.28 6.32 -6.61
CA GLN B 70 10.59 6.94 -6.56
C GLN B 70 11.67 5.86 -6.60
N GLU B 76 5.96 -3.29 -6.33
CA GLU B 76 5.87 -4.56 -7.03
C GLU B 76 4.41 -5.02 -7.10
N PRO B 77 3.98 -5.55 -8.27
CA PRO B 77 4.77 -5.73 -9.49
C PRO B 77 5.02 -4.39 -10.18
N LYS B 78 5.99 -4.37 -11.10
CA LYS B 78 6.31 -3.15 -11.83
C LYS B 78 6.88 -3.49 -13.21
N ALA B 79 7.23 -2.45 -13.96
CA ALA B 79 7.79 -2.64 -15.30
C ALA B 79 9.07 -3.47 -15.17
N SER B 80 9.38 -4.23 -16.22
CA SER B 80 10.60 -5.06 -16.19
C SER B 80 11.84 -4.19 -16.09
N ARG B 81 11.74 -2.97 -16.63
CA ARG B 81 12.86 -2.02 -16.60
C ARG B 81 12.40 -0.63 -16.18
N PRO B 82 12.11 -0.43 -14.88
CA PRO B 82 11.67 0.88 -14.39
C PRO B 82 12.75 1.88 -14.75
N THR B 83 12.39 2.90 -15.52
CA THR B 83 13.38 3.87 -15.97
C THR B 83 12.90 5.32 -15.97
N PRO B 84 13.56 6.18 -15.18
CA PRO B 84 13.15 7.59 -15.15
C PRO B 84 13.42 8.20 -16.52
N GLY B 85 12.49 9.02 -17.01
CA GLY B 85 12.67 9.68 -18.29
C GLY B 85 12.35 8.83 -19.52
N SER B 86 11.70 7.69 -19.30
CA SER B 86 11.35 6.77 -20.39
C SER B 86 9.91 6.92 -20.88
N ALA B 87 9.19 7.88 -20.32
CA ALA B 87 7.80 8.09 -20.72
C ALA B 87 7.68 9.11 -21.85
N ASP B 88 6.70 8.88 -22.72
CA ASP B 88 6.40 9.72 -23.88
C ASP B 88 4.88 9.76 -23.87
N LEU B 89 4.32 10.82 -23.29
CA LEU B 89 2.88 10.95 -23.11
C LEU B 89 2.21 12.16 -23.75
N CYS B 90 0.96 11.99 -24.13
CA CYS B 90 0.19 13.10 -24.70
C CYS B 90 -1.11 13.32 -23.93
N PHE B 91 -1.30 14.56 -23.49
CA PHE B 91 -2.49 14.95 -22.75
C PHE B 91 -3.30 15.95 -23.57
N ILE B 92 -4.62 15.84 -23.51
CA ILE B 92 -5.50 16.76 -24.21
C ILE B 92 -5.92 17.90 -23.28
N THR B 93 -5.84 19.12 -23.78
CA THR B 93 -6.25 20.28 -23.00
C THR B 93 -7.42 20.95 -23.69
N SER B 94 -8.27 21.61 -22.92
CA SER B 94 -9.42 22.33 -23.45
C SER B 94 -9.05 23.81 -23.52
N THR B 95 -7.88 24.13 -22.99
CA THR B 95 -7.38 25.50 -22.97
C THR B 95 -6.86 25.83 -24.37
N PRO B 96 -7.14 27.03 -24.88
CA PRO B 96 -6.65 27.38 -26.22
C PRO B 96 -5.15 27.09 -26.27
N ILE B 97 -4.73 26.27 -27.22
CA ILE B 97 -3.33 25.87 -27.33
C ILE B 97 -2.32 27.02 -27.30
N ASN B 98 -2.66 28.16 -27.89
CA ASN B 98 -1.72 29.27 -27.88
C ASN B 98 -1.59 29.87 -26.49
N ASP B 99 -2.65 29.79 -25.70
CA ASP B 99 -2.59 30.30 -24.33
C ASP B 99 -1.68 29.36 -23.54
N VAL B 100 -1.76 28.06 -23.87
CA VAL B 100 -0.93 27.06 -23.20
C VAL B 100 0.54 27.34 -23.48
N VAL B 101 0.86 27.65 -24.73
CA VAL B 101 2.24 27.95 -25.12
C VAL B 101 2.75 29.08 -24.24
N SER B 102 1.95 30.12 -24.09
CA SER B 102 2.32 31.27 -23.27
C SER B 102 2.51 30.86 -21.81
N GLU B 103 1.60 30.07 -21.26
CA GLU B 103 1.71 29.64 -19.87
C GLU B 103 3.03 28.91 -19.65
N ILE B 104 3.38 28.06 -20.60
CA ILE B 104 4.62 27.29 -20.52
C ILE B 104 5.83 28.21 -20.51
N LEU B 105 5.85 29.18 -21.42
CA LEU B 105 6.96 30.10 -21.48
C LEU B 105 7.09 30.92 -20.21
N GLN B 106 5.96 31.39 -19.68
CA GLN B 106 5.96 32.19 -18.46
C GLN B 106 6.44 31.40 -17.25
N ALA B 107 6.31 30.07 -17.32
CA ALA B 107 6.74 29.19 -16.23
C ALA B 107 8.23 28.89 -16.34
N GLY B 108 8.87 29.44 -17.37
CA GLY B 108 10.30 29.23 -17.56
C GLY B 108 10.66 27.86 -18.09
N ILE B 109 9.69 27.20 -18.70
CA ILE B 109 9.90 25.87 -19.25
C ILE B 109 10.28 25.94 -20.72
N SER B 110 11.26 25.15 -21.12
CA SER B 110 11.72 25.13 -22.49
C SER B 110 10.75 24.35 -23.38
N ILE B 111 10.49 24.89 -24.56
CA ILE B 111 9.60 24.20 -25.51
C ILE B 111 10.49 23.40 -26.44
N VAL B 112 10.29 22.08 -26.42
CA VAL B 112 11.07 21.18 -27.26
C VAL B 112 10.68 21.34 -28.73
N GLU B 113 9.39 21.39 -28.98
CA GLU B 113 8.88 21.52 -30.35
C GLU B 113 7.44 22.00 -30.30
N GLY B 114 6.99 22.66 -31.36
CA GLY B 114 5.62 23.12 -31.39
C GLY B 114 5.42 24.61 -31.19
N PRO B 115 4.18 25.11 -31.34
CA PRO B 115 2.99 24.31 -31.67
C PRO B 115 3.09 23.71 -33.08
N VAL B 116 2.71 22.44 -33.20
CA VAL B 116 2.78 21.76 -34.50
C VAL B 116 1.61 20.79 -34.68
N GLU B 117 1.17 20.64 -35.92
CA GLU B 117 0.07 19.73 -36.20
C GLU B 117 0.56 18.29 -36.08
N ARG B 118 -0.24 17.46 -35.42
CA ARG B 118 0.09 16.06 -35.23
C ARG B 118 -1.19 15.26 -35.31
N THR B 119 -1.05 13.94 -35.31
CA THR B 119 -2.21 13.06 -35.37
C THR B 119 -2.61 12.61 -33.97
N GLY B 120 -3.84 12.94 -33.59
CA GLY B 120 -4.34 12.53 -32.29
C GLY B 120 -5.00 11.18 -32.44
N ALA B 121 -5.45 10.61 -31.33
CA ALA B 121 -6.11 9.31 -31.34
C ALA B 121 -7.39 9.29 -32.19
N THR B 122 -8.04 10.46 -32.33
CA THR B 122 -9.28 10.51 -33.10
C THR B 122 -9.35 11.63 -34.14
N GLY B 123 -8.21 12.25 -34.44
CA GLY B 123 -8.20 13.32 -35.41
C GLY B 123 -6.96 14.19 -35.29
N GLU B 124 -6.95 15.30 -36.01
CA GLU B 124 -5.82 16.21 -35.97
C GLU B 124 -5.81 17.01 -34.68
N ILE B 125 -4.61 17.24 -34.16
CA ILE B 125 -4.41 18.01 -32.94
C ILE B 125 -3.24 18.96 -33.17
N MET B 126 -3.15 20.00 -32.34
CA MET B 126 -2.05 20.95 -32.39
C MET B 126 -1.31 20.60 -31.10
N SER B 127 -0.03 20.26 -31.22
CA SER B 127 0.76 19.85 -30.06
C SER B 127 1.92 20.75 -29.70
N ILE B 128 2.22 20.78 -28.41
CA ILE B 128 3.36 21.53 -27.89
C ILE B 128 4.10 20.49 -27.05
N TYR B 129 5.41 20.41 -27.20
CA TYR B 129 6.20 19.45 -26.46
C TYR B 129 7.12 20.06 -25.42
N ILE B 130 7.16 19.45 -24.25
CA ILE B 130 8.05 19.89 -23.17
C ILE B 130 8.52 18.64 -22.45
N ARG B 131 9.43 18.80 -21.49
CA ARG B 131 9.90 17.65 -20.73
C ARG B 131 9.68 17.88 -19.24
N ASP B 132 9.46 16.80 -18.50
CA ASP B 132 9.28 16.94 -17.07
C ASP B 132 10.66 16.84 -16.42
N PRO B 133 10.73 16.95 -15.08
CA PRO B 133 12.03 16.88 -14.39
C PRO B 133 12.92 15.69 -14.71
N ASP B 134 12.33 14.57 -15.08
CA ASP B 134 13.10 13.37 -15.36
C ASP B 134 13.44 13.20 -16.83
N GLY B 135 12.96 14.10 -17.68
CA GLY B 135 13.25 13.99 -19.10
C GLY B 135 12.15 13.33 -19.89
N ASN B 136 11.05 12.98 -19.23
CA ASN B 136 9.92 12.36 -19.93
C ASN B 136 9.40 13.38 -20.94
N LEU B 137 8.98 12.91 -22.11
CA LEU B 137 8.47 13.80 -23.14
C LEU B 137 6.97 13.98 -22.91
N ILE B 138 6.56 15.23 -22.76
CA ILE B 138 5.17 15.55 -22.51
C ILE B 138 4.59 16.37 -23.67
N GLU B 139 3.60 15.79 -24.33
CA GLU B 139 2.93 16.43 -25.46
C GLU B 139 1.58 16.94 -24.98
N ILE B 140 1.40 18.26 -25.00
CA ILE B 140 0.13 18.84 -24.58
C ILE B 140 -0.54 19.28 -25.87
N SER B 141 -1.77 18.80 -26.09
CA SER B 141 -2.45 19.07 -27.34
C SER B 141 -3.92 19.45 -27.27
N GLN B 142 -4.38 20.15 -28.30
CA GLN B 142 -5.77 20.53 -28.38
C GLN B 142 -6.28 19.99 -29.71
N TYR B 143 -7.51 19.49 -29.72
CA TYR B 143 -8.08 18.99 -30.96
C TYR B 143 -8.53 20.14 -31.86
N ILE C 20 15.57 -10.84 29.06
CA ILE C 20 15.38 -9.41 28.71
C ILE C 20 14.55 -9.27 27.44
N ILE C 21 13.36 -8.68 27.59
CA ILE C 21 12.45 -8.47 26.47
C ILE C 21 12.61 -7.03 26.00
N ASP C 22 12.87 -6.87 24.71
CA ASP C 22 13.10 -5.57 24.10
C ASP C 22 11.88 -4.89 23.49
N ARG C 23 11.05 -5.66 22.80
CA ARG C 23 9.90 -5.08 22.12
C ARG C 23 8.95 -6.13 21.57
N ILE C 24 7.80 -5.65 21.12
CA ILE C 24 6.82 -6.52 20.50
C ILE C 24 7.24 -6.61 19.03
N ASP C 25 7.26 -7.82 18.47
CA ASP C 25 7.61 -7.96 17.06
C ASP C 25 6.35 -8.00 16.23
N HIS C 26 5.39 -8.78 16.70
CA HIS C 26 4.14 -8.93 15.99
C HIS C 26 3.07 -9.51 16.90
N LEU C 27 1.86 -9.61 16.37
CA LEU C 27 0.75 -10.19 17.11
C LEU C 27 -0.22 -10.73 16.08
N VAL C 28 -1.11 -11.61 16.53
CA VAL C 28 -2.08 -12.21 15.62
C VAL C 28 -3.51 -11.73 15.87
N LEU C 29 -4.16 -11.28 14.81
CA LEU C 29 -5.55 -10.84 14.89
C LEU C 29 -6.38 -11.92 14.19
N THR C 30 -7.41 -12.41 14.88
CA THR C 30 -8.29 -13.42 14.29
C THR C 30 -9.48 -12.60 13.81
N VAL C 31 -9.70 -12.61 12.49
CA VAL C 31 -10.76 -11.81 11.90
C VAL C 31 -11.81 -12.60 11.13
N SER C 32 -12.95 -11.94 10.89
CA SER C 32 -14.06 -12.54 10.16
C SER C 32 -13.73 -12.66 8.67
N ASP C 33 -13.09 -11.63 8.12
CA ASP C 33 -12.73 -11.64 6.72
C ASP C 33 -11.42 -10.92 6.45
N ILE C 34 -10.41 -11.68 6.05
CA ILE C 34 -9.07 -11.15 5.77
C ILE C 34 -9.09 -9.97 4.79
N SER C 35 -9.76 -10.13 3.66
CA SER C 35 -9.81 -9.09 2.66
C SER C 35 -10.37 -7.78 3.22
N THR C 36 -11.48 -7.87 3.95
CA THR C 36 -12.11 -6.70 4.56
C THR C 36 -11.14 -6.03 5.53
N THR C 37 -10.44 -6.84 6.30
CA THR C 37 -9.46 -6.33 7.27
C THR C 37 -8.30 -5.65 6.55
N ILE C 38 -7.76 -6.31 5.53
CA ILE C 38 -6.66 -5.72 4.78
C ILE C 38 -7.05 -4.37 4.19
N ARG C 39 -8.24 -4.29 3.61
CA ARG C 39 -8.73 -3.04 3.02
C ARG C 39 -8.70 -1.91 4.04
N PHE C 40 -9.21 -2.19 5.24
CA PHE C 40 -9.26 -1.18 6.29
C PHE C 40 -7.88 -0.68 6.70
N TYR C 41 -7.00 -1.61 7.06
CA TYR C 41 -5.67 -1.21 7.49
C TYR C 41 -4.80 -0.56 6.42
N GLU C 42 -4.96 -0.97 5.15
CA GLU C 42 -4.17 -0.36 4.10
C GLU C 42 -4.65 1.05 3.78
N GLU C 43 -5.97 1.21 3.66
CA GLU C 43 -6.54 2.51 3.34
C GLU C 43 -6.57 3.50 4.49
N VAL C 44 -6.90 3.04 5.68
CA VAL C 44 -6.97 3.93 6.83
C VAL C 44 -5.64 4.15 7.56
N LEU C 45 -5.00 3.05 7.96
CA LEU C 45 -3.74 3.13 8.71
C LEU C 45 -2.50 3.22 7.83
N GLY C 46 -2.67 3.00 6.52
CA GLY C 46 -1.54 3.06 5.62
C GLY C 46 -0.61 1.85 5.67
N PHE C 47 -1.08 0.76 6.25
CA PHE C 47 -0.28 -0.45 6.34
C PHE C 47 -0.17 -1.10 4.96
N SER C 48 0.75 -2.05 4.82
CA SER C 48 0.92 -2.76 3.56
C SER C 48 0.79 -4.26 3.79
N ALA C 49 -0.13 -4.88 3.06
CA ALA C 49 -0.37 -6.31 3.18
C ALA C 49 0.73 -7.08 2.45
N VAL C 50 1.14 -8.19 3.05
CA VAL C 50 2.15 -9.05 2.47
C VAL C 50 1.67 -10.48 2.51
N THR C 51 2.00 -11.25 1.48
CA THR C 51 1.59 -12.64 1.41
C THR C 51 2.79 -13.57 1.58
N PHE C 52 2.66 -14.51 2.49
CA PHE C 52 3.72 -15.48 2.76
C PHE C 52 3.30 -16.85 2.23
N LYS C 53 4.16 -17.84 2.45
CA LYS C 53 3.85 -19.18 1.99
C LYS C 53 2.53 -19.62 2.60
N GLN C 54 1.89 -20.60 1.98
CA GLN C 54 0.59 -21.11 2.47
C GLN C 54 -0.48 -20.05 2.24
N ASN C 55 -0.12 -18.99 1.51
CA ASN C 55 -1.03 -17.90 1.21
C ASN C 55 -1.41 -17.14 2.49
N ARG C 56 -0.53 -17.20 3.48
CA ARG C 56 -0.77 -16.53 4.75
C ARG C 56 -0.61 -15.02 4.56
N LYS C 57 -1.41 -14.24 5.28
CA LYS C 57 -1.36 -12.79 5.13
C LYS C 57 -0.96 -12.04 6.40
N ALA C 58 -0.31 -10.90 6.21
CA ALA C 58 0.11 -10.06 7.33
C ALA C 58 0.12 -8.60 6.89
N LEU C 59 0.05 -7.71 7.86
CA LEU C 59 0.07 -6.27 7.60
C LEU C 59 1.35 -5.72 8.20
N ILE C 60 2.15 -5.05 7.37
CA ILE C 60 3.41 -4.50 7.83
C ILE C 60 3.40 -2.99 8.00
N PHE C 61 4.14 -2.52 9.00
CA PHE C 61 4.27 -1.10 9.30
C PHE C 61 5.50 -0.96 10.18
N GLY C 62 6.23 0.14 10.03
CA GLY C 62 7.44 0.33 10.81
C GLY C 62 8.25 -0.95 10.77
N ALA C 63 8.73 -1.40 11.93
CA ALA C 63 9.51 -2.63 11.99
C ALA C 63 8.73 -3.72 12.71
N GLN C 64 7.41 -3.72 12.53
CA GLN C 64 6.55 -4.72 13.16
C GLN C 64 5.52 -5.21 12.15
N LYS C 65 4.67 -6.13 12.57
CA LYS C 65 3.63 -6.61 11.68
C LYS C 65 2.50 -7.29 12.43
N ILE C 66 1.35 -7.38 11.78
CA ILE C 66 0.19 -8.00 12.36
C ILE C 66 -0.20 -9.19 11.48
N ASN C 67 -0.06 -10.40 12.01
CA ASN C 67 -0.42 -11.58 11.25
C ASN C 67 -1.93 -11.74 11.33
N LEU C 68 -2.54 -12.16 10.22
CA LEU C 68 -3.98 -12.34 10.19
C LEU C 68 -4.41 -13.79 10.09
N HIS C 69 -5.38 -14.16 10.92
CA HIS C 69 -5.93 -15.51 10.96
C HIS C 69 -7.43 -15.37 10.75
N GLN C 70 -7.97 -16.00 9.70
CA GLN C 70 -9.40 -15.91 9.47
C GLN C 70 -10.10 -17.08 10.14
N GLU C 76 -2.23 -23.62 14.43
CA GLU C 76 -1.62 -23.92 15.72
C GLU C 76 -0.14 -23.56 15.73
N PRO C 77 0.36 -23.02 16.85
CA PRO C 77 -0.42 -22.76 18.06
C PRO C 77 -1.14 -21.41 17.93
N LYS C 78 -2.13 -21.19 18.78
CA LYS C 78 -2.88 -19.93 18.75
C LYS C 78 -3.38 -19.59 20.14
N ALA C 79 -4.09 -18.47 20.24
CA ALA C 79 -4.63 -18.03 21.53
C ALA C 79 -5.61 -19.09 22.03
N SER C 80 -5.76 -19.18 23.35
CA SER C 80 -6.66 -20.14 23.95
C SER C 80 -8.09 -19.88 23.49
N ARG C 81 -8.40 -18.62 23.23
CA ARG C 81 -9.75 -18.22 22.78
C ARG C 81 -9.68 -17.19 21.65
N PRO C 82 -9.38 -17.64 20.42
CA PRO C 82 -9.30 -16.74 19.27
C PRO C 82 -10.66 -16.06 19.16
N THR C 83 -10.65 -14.73 19.16
CA THR C 83 -11.88 -13.97 19.13
C THR C 83 -11.83 -12.69 18.32
N PRO C 84 -12.62 -12.59 17.24
CA PRO C 84 -12.59 -11.37 16.45
C PRO C 84 -13.13 -10.22 17.32
N GLY C 85 -12.51 -9.04 17.21
CA GLY C 85 -12.96 -7.89 17.97
C GLY C 85 -12.51 -7.85 19.41
N SER C 86 -11.57 -8.72 19.77
CA SER C 86 -11.05 -8.79 21.14
C SER C 86 -9.76 -8.01 21.35
N ALA C 87 -9.29 -7.34 20.29
CA ALA C 87 -8.06 -6.56 20.40
C ALA C 87 -8.29 -5.10 20.73
N ASP C 88 -7.34 -4.53 21.47
CA ASP C 88 -7.36 -3.16 21.94
C ASP C 88 -5.89 -2.73 21.77
N LEU C 89 -5.60 -2.05 20.66
CA LEU C 89 -4.23 -1.68 20.31
C LEU C 89 -3.98 -0.19 20.11
N CYS C 90 -2.75 0.24 20.43
CA CYS C 90 -2.39 1.63 20.23
C CYS C 90 -1.17 1.77 19.32
N PHE C 91 -1.34 2.59 18.29
CA PHE C 91 -0.28 2.84 17.32
C PHE C 91 0.15 4.30 17.43
N ILE C 92 1.45 4.55 17.34
CA ILE C 92 1.94 5.91 17.40
C ILE C 92 2.13 6.45 15.99
N THR C 93 1.74 7.70 15.79
CA THR C 93 1.89 8.37 14.51
C THR C 93 2.72 9.63 14.73
N SER C 94 3.46 10.02 13.69
CA SER C 94 4.29 11.21 13.75
C SER C 94 3.52 12.37 13.13
N THR C 95 2.38 12.03 12.53
CA THR C 95 1.51 13.02 11.90
C THR C 95 0.77 13.83 12.95
N PRO C 96 0.63 15.15 12.74
CA PRO C 96 -0.09 15.97 13.74
C PRO C 96 -1.42 15.29 14.00
N ILE C 97 -1.70 14.99 15.27
CA ILE C 97 -2.92 14.29 15.64
C ILE C 97 -4.20 14.92 15.10
N ASN C 98 -4.26 16.24 15.02
CA ASN C 98 -5.47 16.88 14.50
C ASN C 98 -5.64 16.60 13.00
N ASP C 99 -4.53 16.44 12.28
CA ASP C 99 -4.65 16.15 10.86
C ASP C 99 -5.16 14.72 10.73
N VAL C 100 -4.76 13.87 11.67
CA VAL C 100 -5.20 12.47 11.67
C VAL C 100 -6.71 12.42 11.89
N VAL C 101 -7.20 13.18 12.88
CA VAL C 101 -8.62 13.23 13.17
C VAL C 101 -9.41 13.58 11.92
N SER C 102 -8.91 14.58 11.19
CA SER C 102 -9.56 15.02 9.97
C SER C 102 -9.52 13.97 8.87
N GLU C 103 -8.40 13.26 8.72
CA GLU C 103 -8.35 12.26 7.67
C GLU C 103 -9.27 11.09 7.99
N ILE C 104 -9.44 10.78 9.27
CA ILE C 104 -10.32 9.71 9.68
C ILE C 104 -11.75 10.07 9.31
N LEU C 105 -12.15 11.29 9.64
CA LEU C 105 -13.51 11.73 9.33
C LEU C 105 -13.75 11.78 7.82
N GLN C 106 -12.78 12.28 7.07
CA GLN C 106 -12.91 12.38 5.63
C GLN C 106 -13.02 11.00 4.98
N ALA C 107 -12.62 9.96 5.70
CA ALA C 107 -12.69 8.60 5.20
C ALA C 107 -14.00 7.93 5.59
N GLY C 108 -14.87 8.67 6.27
CA GLY C 108 -16.16 8.13 6.66
C GLY C 108 -16.12 7.23 7.88
N ILE C 109 -15.00 7.25 8.60
CA ILE C 109 -14.85 6.42 9.79
C ILE C 109 -15.30 7.17 11.03
N SER C 110 -16.08 6.50 11.87
CA SER C 110 -16.58 7.11 13.10
C SER C 110 -15.52 7.13 14.19
N ILE C 111 -15.46 8.24 14.92
CA ILE C 111 -14.52 8.39 16.02
C ILE C 111 -15.23 7.98 17.31
N VAL C 112 -14.70 6.94 17.96
CA VAL C 112 -15.27 6.42 19.19
C VAL C 112 -15.08 7.42 20.34
N GLU C 113 -13.91 8.03 20.37
CA GLU C 113 -13.59 9.02 21.40
C GLU C 113 -12.32 9.74 21.02
N GLY C 114 -12.13 10.94 21.55
CA GLY C 114 -10.93 11.69 21.25
C GLY C 114 -11.10 12.84 20.28
N PRO C 115 -10.03 13.64 20.05
CA PRO C 115 -8.71 13.49 20.67
C PRO C 115 -8.75 13.73 22.19
N VAL C 116 -8.09 12.85 22.93
CA VAL C 116 -8.05 12.96 24.37
C VAL C 116 -6.68 12.62 24.92
N GLU C 117 -6.30 13.29 26.01
CA GLU C 117 -5.01 13.07 26.64
C GLU C 117 -4.96 11.70 27.29
N ARG C 118 -3.86 10.99 27.07
CA ARG C 118 -3.67 9.65 27.62
C ARG C 118 -2.23 9.45 28.04
N THR C 119 -1.99 8.42 28.84
CA THR C 119 -0.65 8.11 29.28
C THR C 119 -0.09 6.99 28.41
N GLY C 120 0.87 7.34 27.56
CA GLY C 120 1.49 6.37 26.68
C GLY C 120 2.58 5.63 27.43
N ALA C 121 3.25 4.71 26.73
CA ALA C 121 4.32 3.93 27.33
C ALA C 121 5.42 4.75 27.99
N THR C 122 5.81 5.85 27.35
CA THR C 122 6.88 6.70 27.88
C THR C 122 6.49 8.13 28.23
N GLY C 123 5.19 8.44 28.21
CA GLY C 123 4.77 9.79 28.55
C GLY C 123 3.40 10.14 28.00
N GLU C 124 3.05 11.42 28.08
CA GLU C 124 1.77 11.92 27.61
C GLU C 124 1.59 11.80 26.09
N ILE C 125 0.41 11.36 25.68
CA ILE C 125 0.08 11.22 24.27
C ILE C 125 -1.34 11.77 24.06
N MET C 126 -1.66 12.11 22.81
CA MET C 126 -3.00 12.58 22.47
C MET C 126 -3.53 11.44 21.62
N SER C 127 -4.64 10.85 22.01
CA SER C 127 -5.21 9.70 21.32
C SER C 127 -6.57 9.91 20.67
N ILE C 128 -6.79 9.20 19.58
CA ILE C 128 -8.06 9.22 18.88
C ILE C 128 -8.41 7.74 18.75
N TYR C 129 -9.66 7.38 19.05
CA TYR C 129 -10.09 6.00 18.98
C TYR C 129 -11.06 5.72 17.85
N ILE C 130 -10.85 4.59 17.18
CA ILE C 130 -11.73 4.12 16.10
C ILE C 130 -11.79 2.60 16.20
N ARG C 131 -12.64 1.96 15.40
CA ARG C 131 -12.73 0.50 15.41
C ARG C 131 -12.48 -0.06 14.03
N ASP C 132 -11.89 -1.25 13.98
CA ASP C 132 -11.65 -1.88 12.70
C ASP C 132 -12.90 -2.69 12.34
N PRO C 133 -12.92 -3.32 11.16
CA PRO C 133 -14.09 -4.10 10.73
C PRO C 133 -14.65 -5.13 11.72
N ASP C 134 -13.80 -5.68 12.58
CA ASP C 134 -14.24 -6.68 13.55
C ASP C 134 -14.63 -6.08 14.90
N GLY C 135 -14.39 -4.79 15.07
CA GLY C 135 -14.73 -4.17 16.34
C GLY C 135 -13.53 -4.01 17.26
N ASN C 136 -12.35 -4.39 16.78
CA ASN C 136 -11.15 -4.23 17.60
C ASN C 136 -11.01 -2.73 17.85
N LEU C 137 -10.57 -2.35 19.05
CA LEU C 137 -10.39 -0.94 19.35
C LEU C 137 -9.01 -0.50 18.89
N ILE C 138 -8.96 0.54 18.09
CA ILE C 138 -7.69 1.05 17.57
C ILE C 138 -7.44 2.48 18.07
N GLU C 139 -6.38 2.63 18.85
CA GLU C 139 -6.01 3.92 19.42
C GLU C 139 -4.83 4.47 18.62
N ILE C 140 -5.04 5.60 17.94
CA ILE C 140 -3.98 6.23 17.17
C ILE C 140 -3.54 7.45 17.97
N SER C 141 -2.25 7.49 18.32
CA SER C 141 -1.76 8.57 19.17
C SER C 141 -0.45 9.23 18.75
N GLN C 142 -0.27 10.46 19.22
CA GLN C 142 0.96 11.20 18.96
C GLN C 142 1.50 11.68 20.29
N TYR C 143 2.81 11.53 20.48
CA TYR C 143 3.38 12.00 21.73
C TYR C 143 3.38 13.51 21.77
N ILE D 20 0.94 8.38 8.86
CA ILE D 20 2.13 7.48 8.96
C ILE D 20 2.24 6.89 10.36
N ILE D 21 2.15 5.56 10.45
CA ILE D 21 2.25 4.87 11.72
C ILE D 21 3.68 4.39 11.90
N ASP D 22 4.25 4.68 13.06
CA ASP D 22 5.62 4.31 13.38
C ASP D 22 5.79 3.00 14.12
N ARG D 23 4.96 2.77 15.13
CA ARG D 23 5.07 1.57 15.95
C ARG D 23 3.86 1.38 16.84
N ILE D 24 3.88 0.28 17.58
CA ILE D 24 2.84 -0.02 18.55
C ILE D 24 3.34 0.59 19.84
N ASP D 25 2.48 1.30 20.57
CA ASP D 25 2.88 1.91 21.83
C ASP D 25 2.50 1.01 22.99
N HIS D 26 1.30 0.44 22.89
CA HIS D 26 0.79 -0.43 23.94
C HIS D 26 -0.47 -1.14 23.45
N LEU D 27 -1.00 -1.99 24.31
CA LEU D 27 -2.22 -2.73 24.01
C LEU D 27 -2.81 -3.09 25.36
N VAL D 28 -4.08 -3.48 25.36
CA VAL D 28 -4.77 -3.82 26.58
C VAL D 28 -5.14 -5.29 26.63
N LEU D 29 -4.81 -5.94 27.74
CA LEU D 29 -5.14 -7.33 27.95
C LEU D 29 -6.23 -7.34 29.00
N THR D 30 -7.30 -8.08 28.73
CA THR D 30 -8.40 -8.22 29.68
C THR D 30 -8.12 -9.56 30.37
N VAL D 31 -7.96 -9.53 31.68
CA VAL D 31 -7.62 -10.72 32.42
C VAL D 31 -8.59 -11.03 33.55
N SER D 32 -8.58 -12.29 34.00
CA SER D 32 -9.46 -12.71 35.09
C SER D 32 -9.00 -12.10 36.41
N ASP D 33 -7.69 -12.11 36.64
CA ASP D 33 -7.15 -11.58 37.88
C ASP D 33 -5.84 -10.85 37.64
N ILE D 34 -5.87 -9.52 37.78
CA ILE D 34 -4.69 -8.70 37.58
C ILE D 34 -3.49 -9.11 38.44
N SER D 35 -3.72 -9.44 39.71
CA SER D 35 -2.64 -9.85 40.59
C SER D 35 -1.89 -11.05 40.03
N THR D 36 -2.63 -12.06 39.58
CA THR D 36 -2.04 -13.26 39.01
C THR D 36 -1.27 -12.94 37.74
N THR D 37 -1.85 -12.10 36.89
CA THR D 37 -1.20 -11.72 35.63
C THR D 37 0.10 -10.98 35.87
N ILE D 38 0.10 -10.06 36.83
CA ILE D 38 1.30 -9.31 37.13
C ILE D 38 2.44 -10.22 37.60
N ARG D 39 2.12 -11.19 38.45
CA ARG D 39 3.14 -12.12 38.94
C ARG D 39 3.79 -12.86 37.78
N PHE D 40 2.98 -13.33 36.84
CA PHE D 40 3.51 -14.05 35.68
C PHE D 40 4.44 -13.19 34.82
N TYR D 41 3.97 -12.02 34.41
CA TYR D 41 4.80 -11.18 33.55
C TYR D 41 6.05 -10.62 34.22
N GLU D 42 5.98 -10.36 35.52
CA GLU D 42 7.15 -9.86 36.23
C GLU D 42 8.17 -10.98 36.45
N GLU D 43 7.70 -12.09 37.03
CA GLU D 43 8.60 -13.21 37.35
C GLU D 43 9.13 -13.98 36.15
N VAL D 44 8.30 -14.15 35.12
CA VAL D 44 8.74 -14.89 33.93
C VAL D 44 9.36 -14.01 32.83
N LEU D 45 8.61 -13.03 32.36
CA LEU D 45 9.09 -12.15 31.28
C LEU D 45 9.92 -10.96 31.73
N GLY D 46 9.99 -10.73 33.04
CA GLY D 46 10.78 -9.63 33.56
C GLY D 46 10.22 -8.22 33.39
N PHE D 47 8.92 -8.11 33.15
CA PHE D 47 8.30 -6.81 33.00
C PHE D 47 8.17 -6.16 34.39
N SER D 48 7.82 -4.88 34.43
CA SER D 48 7.66 -4.16 35.70
C SER D 48 6.27 -3.55 35.78
N ALA D 49 5.54 -3.87 36.84
CA ALA D 49 4.19 -3.35 37.02
C ALA D 49 4.22 -1.92 37.56
N VAL D 50 3.26 -1.11 37.11
CA VAL D 50 3.13 0.27 37.56
C VAL D 50 1.66 0.62 37.69
N THR D 51 1.37 1.66 38.46
CA THR D 51 0.00 2.11 38.67
C THR D 51 -0.11 3.51 38.06
N PHE D 52 -1.09 3.71 37.21
CA PHE D 52 -1.29 5.02 36.59
C PHE D 52 -2.77 5.37 36.73
N LYS D 53 -3.10 6.64 36.53
CA LYS D 53 -4.48 7.10 36.67
C LYS D 53 -5.01 6.71 38.05
N GLN D 54 -4.14 6.78 39.04
CA GLN D 54 -4.47 6.47 40.43
C GLN D 54 -4.71 5.01 40.79
N ASN D 55 -5.45 4.28 39.97
CA ASN D 55 -5.76 2.89 40.29
C ASN D 55 -5.66 1.86 39.16
N ARG D 56 -5.00 2.21 38.06
CA ARG D 56 -4.88 1.27 36.95
C ARG D 56 -3.50 0.65 36.89
N LYS D 57 -3.44 -0.59 36.39
CA LYS D 57 -2.18 -1.31 36.30
C LYS D 57 -1.68 -1.48 34.88
N ALA D 58 -0.36 -1.46 34.74
CA ALA D 58 0.28 -1.65 33.45
C ALA D 58 1.58 -2.40 33.68
N LEU D 59 2.08 -3.02 32.62
CA LEU D 59 3.33 -3.75 32.67
C LEU D 59 4.25 -3.10 31.67
N ILE D 60 5.32 -2.51 32.20
CA ILE D 60 6.33 -1.81 31.41
C ILE D 60 7.43 -2.76 30.92
N PHE D 61 7.86 -2.57 29.69
CA PHE D 61 8.95 -3.34 29.10
C PHE D 61 9.49 -2.54 27.92
N GLY D 62 10.80 -2.54 27.74
CA GLY D 62 11.39 -1.77 26.65
C GLY D 62 10.83 -0.35 26.66
N ALA D 63 10.34 0.12 25.52
CA ALA D 63 9.76 1.45 25.41
C ALA D 63 8.27 1.32 25.08
N GLN D 64 7.64 0.28 25.63
CA GLN D 64 6.23 0.02 25.38
C GLN D 64 5.61 -0.44 26.69
N LYS D 65 4.33 -0.78 26.66
CA LYS D 65 3.66 -1.26 27.85
C LYS D 65 2.38 -1.99 27.50
N ILE D 66 1.91 -2.78 28.46
CA ILE D 66 0.67 -3.54 28.33
C ILE D 66 -0.20 -3.02 29.47
N ASN D 67 -1.34 -2.43 29.13
CA ASN D 67 -2.27 -1.97 30.15
C ASN D 67 -3.16 -3.16 30.49
N LEU D 68 -3.52 -3.29 31.75
CA LEU D 68 -4.36 -4.42 32.16
C LEU D 68 -5.77 -3.99 32.57
N HIS D 69 -6.75 -4.78 32.15
CA HIS D 69 -8.16 -4.56 32.52
C HIS D 69 -8.61 -5.86 33.18
N GLN D 70 -9.25 -5.78 34.33
CA GLN D 70 -9.72 -6.99 34.97
C GLN D 70 -11.19 -7.15 34.60
N GLN D 71 -11.63 -8.37 34.38
CA GLN D 71 -13.02 -8.58 34.03
C GLN D 71 -13.91 -7.94 35.08
N GLU D 72 -15.05 -7.43 34.63
CA GLU D 72 -16.04 -6.76 35.48
C GLU D 72 -15.66 -5.32 35.83
N MET D 73 -14.45 -4.92 35.44
CA MET D 73 -13.97 -3.56 35.70
C MET D 73 -13.16 -3.04 34.51
N GLU D 74 -13.62 -3.35 33.31
CA GLU D 74 -12.91 -2.92 32.09
C GLU D 74 -13.17 -1.46 31.75
N PHE D 75 -12.11 -0.65 31.80
CA PHE D 75 -12.23 0.76 31.49
C PHE D 75 -12.56 0.99 30.02
N GLU D 76 -13.24 2.09 29.74
CA GLU D 76 -13.66 2.39 28.37
C GLU D 76 -13.01 3.62 27.75
N PRO D 77 -12.96 3.67 26.42
CA PRO D 77 -13.46 2.64 25.50
C PRO D 77 -12.58 1.38 25.55
N LYS D 78 -13.14 0.27 25.07
CA LYS D 78 -12.44 -1.01 25.07
C LYS D 78 -12.80 -1.82 23.83
N ALA D 79 -12.19 -2.99 23.68
CA ALA D 79 -12.46 -3.87 22.53
C ALA D 79 -13.96 -4.18 22.48
N SER D 80 -14.48 -4.49 21.30
CA SER D 80 -15.91 -4.83 21.20
C SER D 80 -16.19 -6.13 21.95
N ARG D 81 -15.22 -7.03 21.97
CA ARG D 81 -15.39 -8.29 22.67
C ARG D 81 -14.20 -8.60 23.59
N PRO D 82 -14.09 -7.89 24.73
CA PRO D 82 -12.99 -8.10 25.68
C PRO D 82 -13.01 -9.56 26.07
N THR D 83 -11.93 -10.27 25.79
CA THR D 83 -11.87 -11.70 26.08
C THR D 83 -10.55 -12.19 26.66
N PRO D 84 -10.56 -12.73 27.87
CA PRO D 84 -9.32 -13.23 28.45
C PRO D 84 -8.84 -14.43 27.63
N GLY D 85 -7.53 -14.52 27.40
CA GLY D 85 -6.99 -15.63 26.64
C GLY D 85 -7.08 -15.49 25.13
N SER D 86 -7.50 -14.31 24.66
CA SER D 86 -7.64 -14.05 23.23
C SER D 86 -6.41 -13.42 22.57
N ALA D 87 -5.38 -13.11 23.35
CA ALA D 87 -4.18 -12.50 22.78
C ALA D 87 -3.15 -13.52 22.31
N ASP D 88 -2.45 -13.15 21.24
CA ASP D 88 -1.43 -13.97 20.62
C ASP D 88 -0.35 -12.94 20.29
N LEU D 89 0.64 -12.83 21.18
CA LEU D 89 1.70 -11.83 21.07
C LEU D 89 3.11 -12.38 20.96
N CYS D 90 3.96 -11.66 20.23
CA CYS D 90 5.36 -12.07 20.10
C CYS D 90 6.28 -10.97 20.61
N PHE D 91 7.18 -11.35 21.51
CA PHE D 91 8.14 -10.42 22.09
C PHE D 91 9.54 -10.81 21.64
N ILE D 92 10.37 -9.81 21.31
CA ILE D 92 11.74 -10.08 20.91
C ILE D 92 12.62 -9.97 22.15
N THR D 93 13.47 -10.97 22.35
CA THR D 93 14.38 -10.96 23.49
C THR D 93 15.80 -10.78 22.98
N SER D 94 16.66 -10.20 23.82
CA SER D 94 18.06 -10.01 23.46
C SER D 94 18.86 -11.11 24.15
N THR D 95 18.18 -11.89 24.97
CA THR D 95 18.79 -13.00 25.69
C THR D 95 18.90 -14.19 24.73
N PRO D 96 20.05 -14.89 24.73
CA PRO D 96 20.18 -16.05 23.83
C PRO D 96 18.95 -16.92 24.00
N ILE D 97 18.29 -17.24 22.89
CA ILE D 97 17.05 -18.02 22.95
C ILE D 97 17.20 -19.35 23.70
N ASN D 98 18.35 -20.02 23.57
CA ASN D 98 18.53 -21.28 24.27
C ASN D 98 18.61 -21.07 25.78
N ASP D 99 19.09 -19.89 26.21
CA ASP D 99 19.13 -19.61 27.63
C ASP D 99 17.70 -19.34 28.09
N VAL D 100 16.91 -18.75 27.19
CA VAL D 100 15.51 -18.46 27.49
C VAL D 100 14.73 -19.76 27.67
N VAL D 101 14.96 -20.75 26.81
CA VAL D 101 14.24 -22.02 26.96
C VAL D 101 14.54 -22.60 28.34
N SER D 102 15.81 -22.57 28.73
CA SER D 102 16.21 -23.09 30.04
C SER D 102 15.52 -22.34 31.18
N GLU D 103 15.43 -21.02 31.07
CA GLU D 103 14.79 -20.22 32.12
C GLU D 103 13.33 -20.64 32.27
N ILE D 104 12.66 -20.80 31.13
CA ILE D 104 11.25 -21.19 31.12
C ILE D 104 11.07 -22.55 31.80
N LEU D 105 11.92 -23.51 31.45
CA LEU D 105 11.84 -24.83 32.04
C LEU D 105 12.11 -24.80 33.54
N GLN D 106 13.17 -24.12 33.96
CA GLN D 106 13.49 -24.05 35.38
C GLN D 106 12.39 -23.38 36.19
N ALA D 107 11.64 -22.48 35.54
CA ALA D 107 10.56 -21.78 36.23
C ALA D 107 9.33 -22.68 36.34
N GLY D 108 9.40 -23.86 35.74
CA GLY D 108 8.29 -24.80 35.79
C GLY D 108 7.20 -24.49 34.78
N ILE D 109 7.52 -23.69 33.78
CA ILE D 109 6.57 -23.31 32.76
C ILE D 109 6.59 -24.28 31.58
N SER D 110 5.42 -24.72 31.15
CA SER D 110 5.31 -25.64 30.02
C SER D 110 5.55 -24.92 28.70
N ILE D 111 6.34 -25.53 27.83
CA ILE D 111 6.62 -24.98 26.51
C ILE D 111 5.61 -25.59 25.54
N VAL D 112 4.77 -24.74 24.95
CA VAL D 112 3.75 -25.18 24.02
C VAL D 112 4.37 -25.72 22.72
N GLU D 113 5.40 -25.04 22.26
CA GLU D 113 6.11 -25.43 21.03
C GLU D 113 7.40 -24.66 20.91
N GLY D 114 8.38 -25.24 20.22
CA GLY D 114 9.65 -24.57 20.03
C GLY D 114 10.80 -25.14 20.84
N PRO D 115 12.03 -24.64 20.63
CA PRO D 115 12.38 -23.56 19.71
C PRO D 115 12.11 -23.94 18.25
N VAL D 116 11.51 -23.02 17.50
CA VAL D 116 11.22 -23.28 16.10
C VAL D 116 11.41 -22.01 15.27
N GLU D 117 11.84 -22.19 14.03
CA GLU D 117 12.06 -21.06 13.14
C GLU D 117 10.74 -20.46 12.69
N ARG D 118 10.67 -19.13 12.67
CA ARG D 118 9.48 -18.41 12.24
C ARG D 118 9.92 -17.20 11.45
N THR D 119 8.98 -16.59 10.73
CA THR D 119 9.30 -15.41 9.95
C THR D 119 8.82 -14.19 10.72
N GLY D 120 9.76 -13.45 11.28
CA GLY D 120 9.40 -12.26 12.04
C GLY D 120 9.06 -11.10 11.14
N ALA D 121 8.84 -9.94 11.74
CA ALA D 121 8.50 -8.74 11.00
C ALA D 121 9.59 -8.32 10.02
N THR D 122 10.85 -8.40 10.46
CA THR D 122 11.96 -7.98 9.61
C THR D 122 12.99 -9.07 9.30
N GLY D 123 12.60 -10.34 9.43
CA GLY D 123 13.52 -11.42 9.16
C GLY D 123 13.23 -12.67 9.95
N GLU D 124 14.09 -13.67 9.82
CA GLU D 124 13.92 -14.93 10.51
C GLU D 124 14.14 -14.84 12.02
N ILE D 125 13.35 -15.60 12.78
CA ILE D 125 13.45 -15.62 14.22
C ILE D 125 13.32 -17.05 14.76
N MET D 126 13.83 -17.27 15.96
CA MET D 126 13.71 -18.57 16.62
C MET D 126 12.72 -18.27 17.73
N SER D 127 11.59 -18.97 17.70
CA SER D 127 10.53 -18.75 18.67
C SER D 127 10.25 -19.89 19.62
N ILE D 128 9.86 -19.53 20.84
CA ILE D 128 9.48 -20.49 21.85
C ILE D 128 8.11 -19.99 22.27
N TYR D 129 7.16 -20.91 22.44
CA TYR D 129 5.80 -20.53 22.81
C TYR D 129 5.40 -21.02 24.20
N ILE D 130 4.75 -20.13 24.96
CA ILE D 130 4.24 -20.48 26.28
C ILE D 130 2.91 -19.76 26.43
N ARG D 131 2.21 -20.01 27.53
CA ARG D 131 0.93 -19.36 27.77
C ARG D 131 0.93 -18.62 29.10
N ASP D 132 0.19 -17.51 29.15
CA ASP D 132 0.11 -16.77 30.39
C ASP D 132 -1.06 -17.35 31.18
N PRO D 133 -1.29 -16.87 32.40
CA PRO D 133 -2.38 -17.36 33.25
C PRO D 133 -3.77 -17.44 32.64
N ASP D 134 -4.06 -16.58 31.67
CA ASP D 134 -5.37 -16.56 31.03
C ASP D 134 -5.45 -17.35 29.73
N GLY D 135 -4.34 -17.96 29.32
CA GLY D 135 -4.35 -18.73 28.09
C GLY D 135 -3.85 -17.99 26.87
N ASN D 136 -3.45 -16.73 27.04
CA ASN D 136 -2.93 -15.96 25.92
C ASN D 136 -1.67 -16.67 25.42
N LEU D 137 -1.44 -16.65 24.11
CA LEU D 137 -0.26 -17.30 23.56
C LEU D 137 0.87 -16.28 23.54
N ILE D 138 2.00 -16.62 24.16
CA ILE D 138 3.13 -15.73 24.20
C ILE D 138 4.30 -16.38 23.45
N GLU D 139 4.72 -15.73 22.36
CA GLU D 139 5.81 -16.21 21.52
C GLU D 139 7.04 -15.35 21.87
N ILE D 140 8.05 -15.96 22.48
CA ILE D 140 9.28 -15.24 22.84
C ILE D 140 10.30 -15.60 21.74
N SER D 141 10.87 -14.59 21.10
CA SER D 141 11.77 -14.86 19.98
C SER D 141 13.03 -14.04 19.93
N GLN D 142 14.04 -14.59 19.28
CA GLN D 142 15.31 -13.89 19.10
C GLN D 142 15.60 -13.86 17.61
N TYR D 143 16.06 -12.71 17.11
CA TYR D 143 16.38 -12.62 15.70
C TYR D 143 17.67 -13.35 15.41
#